data_3N2T
#
_entry.id   3N2T
#
_cell.length_a   41.250
_cell.length_b   62.390
_cell.length_c   59.820
_cell.angle_alpha   90.00
_cell.angle_beta   90.47
_cell.angle_gamma   90.00
#
_symmetry.space_group_name_H-M   'P 1 21 1'
#
loop_
_entity.id
_entity.type
_entity.pdbx_description
1 polymer 'Putative oxidoreductase'
2 water water
#
_entity_poly.entity_id   1
_entity_poly.type   'polypeptide(L)'
_entity_poly.pdbx_seq_one_letter_code
;HHHHHHSSGLVPRGSHMASDTIRIPGIDTPLSRVALGTWAIGGWMWGGPDDDNGVRTIHAALDEGINLIDTAPVYGFGHS
EEIVGRALAEKPNKAHVATKLGLHWVGEDEKNMKVFRDSRPARIRKEVEDSLRRLRVETIDLEQIHWPDDKTPIDESARE
LQKLHQDGKIRALGVSNFSPEQMDIFREVAPLATIQPPLNLFERTIEKDILPYAEKHNAVVLAYGALCRGLLTGKMNRDT
TFPKDDLRSNDPKFQKPNFEKYLAAMDEFEKLAEKRGKSVMAFAVRWVLDQGPVIALWGARKPGQVSGVKDVFGWSLTDE
EKKAVDDILARHVPNPIDPTFMAPPARD
;
_entity_poly.pdbx_strand_id   A
#
# COMPACT_ATOMS: atom_id res chain seq x y z
N MET A 17 -15.29 -14.97 12.33
CA MET A 17 -15.42 -13.55 12.66
C MET A 17 -14.22 -12.74 12.15
N ALA A 18 -13.03 -13.32 12.26
CA ALA A 18 -11.79 -12.63 11.88
C ALA A 18 -11.50 -12.75 10.39
N SER A 19 -12.30 -12.05 9.59
CA SER A 19 -12.14 -12.05 8.14
C SER A 19 -12.04 -10.59 7.68
N ASP A 20 -12.37 -9.68 8.60
CA ASP A 20 -12.37 -8.27 8.31
C ASP A 20 -11.26 -7.56 9.10
N THR A 21 -10.64 -8.28 10.03
CA THR A 21 -9.55 -7.72 10.83
C THR A 21 -8.37 -8.69 10.93
N ILE A 22 -7.23 -8.16 11.34
CA ILE A 22 -6.03 -8.96 11.49
C ILE A 22 -5.15 -8.23 12.50
N ARG A 23 -4.42 -8.99 13.31
CA ARG A 23 -3.50 -8.37 14.27
C ARG A 23 -2.11 -8.13 13.68
N ILE A 24 -1.54 -6.98 14.00
CA ILE A 24 -0.15 -6.67 13.64
C ILE A 24 0.68 -6.83 14.91
N PRO A 25 1.67 -7.73 14.88
CA PRO A 25 2.51 -7.92 16.07
C PRO A 25 3.00 -6.57 16.60
N GLY A 26 2.78 -6.32 17.89
CA GLY A 26 3.31 -5.13 18.53
C GLY A 26 2.29 -4.02 18.68
N ILE A 27 1.13 -4.22 18.08
CA ILE A 27 -0.02 -3.32 18.19
C ILE A 27 -1.19 -4.09 18.81
N ASP A 28 -1.76 -3.55 19.87
CA ASP A 28 -2.78 -4.25 20.65
C ASP A 28 -4.08 -4.55 19.89
N THR A 29 -4.71 -3.52 19.32
CA THR A 29 -6.00 -3.67 18.68
C THR A 29 -5.85 -4.24 17.29
N PRO A 30 -6.79 -5.13 16.90
CA PRO A 30 -6.80 -5.62 15.52
C PRO A 30 -7.02 -4.48 14.53
N LEU A 31 -6.42 -4.58 13.36
CA LEU A 31 -6.56 -3.59 12.31
C LEU A 31 -7.56 -4.07 11.25
N SER A 32 -8.33 -3.15 10.69
CA SER A 32 -9.19 -3.46 9.55
C SER A 32 -8.32 -3.95 8.40
N ARG A 33 -8.83 -4.90 7.62
CA ARG A 33 -8.03 -5.46 6.53
C ARG A 33 -8.09 -4.62 5.25
N VAL A 34 -8.74 -3.46 5.33
CA VAL A 34 -8.52 -2.41 4.36
C VAL A 34 -7.91 -1.24 5.14
N ALA A 35 -6.85 -0.66 4.59
CA ALA A 35 -6.23 0.51 5.20
C ALA A 35 -6.32 1.70 4.24
N LEU A 36 -6.40 2.91 4.78
CA LEU A 36 -6.45 4.08 3.90
C LEU A 36 -5.04 4.40 3.43
N GLY A 37 -4.85 4.44 2.12
CA GLY A 37 -3.59 4.91 1.57
C GLY A 37 -3.71 6.41 1.37
N THR A 38 -2.64 7.18 1.57
CA THR A 38 -2.75 8.63 1.56
C THR A 38 -1.90 9.36 0.50
N TRP A 39 -1.49 8.66 -0.54
CA TRP A 39 -0.72 9.30 -1.63
C TRP A 39 -1.49 10.38 -2.38
N ALA A 40 -2.82 10.35 -2.31
CA ALA A 40 -3.63 11.39 -2.95
C ALA A 40 -4.17 12.37 -1.91
N ILE A 41 -3.65 12.27 -0.69
CA ILE A 41 -4.05 13.19 0.37
C ILE A 41 -2.85 14.04 0.77
N GLY A 42 -2.90 15.33 0.43
CA GLY A 42 -1.73 16.18 0.60
C GLY A 42 -0.56 15.66 -0.22
N GLY A 43 -0.87 15.04 -1.36
CA GLY A 43 0.15 14.51 -2.24
C GLY A 43 0.93 15.61 -2.96
N TRP A 44 0.35 16.80 -3.00
CA TRP A 44 1.09 17.98 -3.49
C TRP A 44 1.70 18.67 -2.29
N MET A 45 2.87 19.26 -2.48
CA MET A 45 3.61 19.77 -1.33
C MET A 45 3.09 21.12 -0.84
N TRP A 46 2.34 21.81 -1.69
CA TRP A 46 1.72 23.07 -1.28
C TRP A 46 0.26 22.81 -0.99
N GLY A 47 -0.20 23.35 0.13
CA GLY A 47 -1.55 23.09 0.59
C GLY A 47 -2.52 24.13 0.08
N GLY A 48 -3.55 24.40 0.88
CA GLY A 48 -4.61 25.29 0.48
C GLY A 48 -5.95 24.72 0.89
N PRO A 49 -7.03 25.36 0.44
CA PRO A 49 -8.39 24.92 0.76
C PRO A 49 -8.61 23.45 0.41
N ASP A 50 -7.94 22.97 -0.63
CA ASP A 50 -8.08 21.58 -1.08
C ASP A 50 -7.69 20.57 0.00
N ASP A 51 -6.97 21.03 1.02
CA ASP A 51 -6.62 20.17 2.15
C ASP A 51 -7.87 19.70 2.89
N ASP A 52 -8.92 20.50 2.83
CA ASP A 52 -10.18 20.18 3.49
C ASP A 52 -10.78 18.87 3.00
N ASN A 53 -10.69 18.62 1.69
CA ASN A 53 -11.17 17.34 1.13
C ASN A 53 -10.39 16.15 1.66
N GLY A 54 -9.07 16.35 1.82
CA GLY A 54 -8.23 15.29 2.35
C GLY A 54 -8.66 14.91 3.76
N VAL A 55 -8.81 15.93 4.60
CA VAL A 55 -9.33 15.72 5.95
C VAL A 55 -10.67 14.99 5.92
N ARG A 56 -11.61 15.47 5.10
CA ARG A 56 -12.93 14.85 5.01
C ARG A 56 -12.84 13.41 4.50
N THR A 57 -11.85 13.14 3.67
CA THR A 57 -11.63 11.79 3.20
C THR A 57 -11.15 10.84 4.30
N ILE A 58 -10.21 11.30 5.12
CA ILE A 58 -9.75 10.51 6.26
C ILE A 58 -10.93 10.24 7.21
N HIS A 59 -11.75 11.27 7.45
CA HIS A 59 -12.87 11.14 8.36
C HIS A 59 -13.88 10.11 7.85
N ALA A 60 -14.13 10.13 6.53
CA ALA A 60 -15.00 9.15 5.89
C ALA A 60 -14.42 7.75 6.02
N ALA A 61 -13.13 7.60 5.78
CA ALA A 61 -12.47 6.31 6.00
C ALA A 61 -12.74 5.80 7.42
N LEU A 62 -12.46 6.63 8.42
CA LEU A 62 -12.65 6.25 9.81
C LEU A 62 -14.08 5.74 10.07
N ASP A 63 -15.06 6.35 9.41
CA ASP A 63 -16.46 5.99 9.64
C ASP A 63 -16.82 4.66 8.95
N GLU A 64 -15.99 4.22 8.01
CA GLU A 64 -16.18 2.91 7.37
C GLU A 64 -15.50 1.80 8.18
N GLY A 65 -15.00 2.15 9.36
CA GLY A 65 -14.32 1.17 10.18
C GLY A 65 -12.87 0.89 9.80
N ILE A 66 -12.27 1.75 8.99
CA ILE A 66 -10.83 1.66 8.77
C ILE A 66 -10.10 2.28 9.96
N ASN A 67 -9.19 1.54 10.57
CA ASN A 67 -8.41 2.08 11.70
C ASN A 67 -6.91 2.01 11.43
N LEU A 68 -6.53 1.80 10.18
CA LEU A 68 -5.12 1.89 9.81
C LEU A 68 -5.00 2.87 8.67
N ILE A 69 -4.17 3.90 8.89
CA ILE A 69 -3.90 4.86 7.85
C ILE A 69 -2.43 4.72 7.48
N ASP A 70 -2.16 4.48 6.20
CA ASP A 70 -0.79 4.36 5.74
C ASP A 70 -0.39 5.65 5.06
N THR A 71 0.74 6.23 5.45
CA THR A 71 1.20 7.49 4.85
C THR A 71 2.72 7.44 4.69
N ALA A 72 3.32 8.56 4.31
CA ALA A 72 4.77 8.64 4.11
C ALA A 72 5.25 10.09 4.05
N PRO A 73 6.41 10.37 4.67
CA PRO A 73 7.04 11.69 4.55
C PRO A 73 7.13 12.14 3.10
N VAL A 74 7.48 11.23 2.20
CA VAL A 74 7.69 11.68 0.82
C VAL A 74 6.43 12.21 0.13
N TYR A 75 5.24 11.77 0.57
CA TYR A 75 3.99 12.29 -0.02
C TYR A 75 3.81 13.76 0.26
N GLY A 76 4.01 14.62 -0.74
CA GLY A 76 3.93 16.05 -0.55
C GLY A 76 5.03 16.54 0.37
N PHE A 77 6.04 15.71 0.55
CA PHE A 77 7.24 16.11 1.30
C PHE A 77 6.86 16.63 2.68
N GLY A 78 6.12 15.81 3.41
CA GLY A 78 5.64 16.15 4.74
C GLY A 78 4.16 16.48 4.76
N HIS A 79 3.63 16.85 3.61
CA HIS A 79 2.29 17.42 3.58
C HIS A 79 1.22 16.40 3.93
N SER A 80 1.29 15.22 3.31
CA SER A 80 0.34 14.14 3.63
C SER A 80 0.31 13.83 5.12
N GLU A 81 1.49 13.62 5.73
CA GLU A 81 1.54 13.40 7.18
C GLU A 81 0.88 14.53 7.97
N GLU A 82 1.13 15.78 7.57
CA GLU A 82 0.51 16.93 8.22
C GLU A 82 -1.01 16.88 8.17
N ILE A 83 -1.56 16.51 7.02
CA ILE A 83 -3.01 16.38 6.87
C ILE A 83 -3.57 15.25 7.74
N VAL A 84 -2.89 14.10 7.76
CA VAL A 84 -3.30 13.00 8.64
C VAL A 84 -3.27 13.46 10.11
N GLY A 85 -2.17 14.07 10.54
CA GLY A 85 -2.11 14.61 11.88
C GLY A 85 -3.24 15.58 12.16
N ARG A 86 -3.56 16.43 11.20
CA ARG A 86 -4.63 17.41 11.35
C ARG A 86 -5.99 16.69 11.49
N ALA A 87 -6.29 15.82 10.53
CA ALA A 87 -7.55 15.10 10.52
C ALA A 87 -7.79 14.31 11.81
N LEU A 88 -6.75 13.65 12.31
CA LEU A 88 -6.89 12.82 13.50
C LEU A 88 -7.07 13.65 14.77
N ALA A 89 -6.68 14.92 14.71
CA ALA A 89 -6.80 15.80 15.88
C ALA A 89 -8.21 16.40 15.96
N GLU A 90 -8.89 16.46 14.81
CA GLU A 90 -10.21 17.06 14.70
C GLU A 90 -11.38 16.13 15.02
N LYS A 91 -11.15 14.83 14.89
CA LYS A 91 -12.24 13.85 15.04
C LYS A 91 -11.83 12.78 16.05
N PRO A 92 -12.66 12.58 17.10
CA PRO A 92 -12.32 11.50 18.04
C PRO A 92 -12.15 10.19 17.28
N ASN A 93 -11.12 9.42 17.62
CA ASN A 93 -10.81 8.23 16.84
C ASN A 93 -9.92 7.23 17.58
N LYS A 94 -9.84 6.02 17.05
CA LYS A 94 -8.90 5.01 17.54
C LYS A 94 -8.05 4.50 16.38
N ALA A 95 -7.67 5.41 15.50
CA ALA A 95 -6.86 5.07 14.34
C ALA A 95 -5.42 4.82 14.73
N HIS A 96 -4.77 4.01 13.90
CA HIS A 96 -3.34 3.76 13.98
C HIS A 96 -2.73 4.29 12.70
N VAL A 97 -1.59 4.96 12.83
CA VAL A 97 -0.89 5.47 11.65
C VAL A 97 0.39 4.70 11.37
N ALA A 98 0.48 4.18 10.16
CA ALA A 98 1.71 3.58 9.68
C ALA A 98 2.35 4.63 8.80
N THR A 99 3.65 4.86 8.98
CA THR A 99 4.35 5.78 8.09
C THR A 99 5.64 5.15 7.57
N LYS A 100 6.43 5.92 6.85
CA LYS A 100 7.62 5.37 6.23
C LYS A 100 8.84 6.27 6.48
N LEU A 101 10.02 5.78 6.12
CA LEU A 101 11.22 6.60 6.11
C LEU A 101 12.29 5.97 5.21
N GLY A 102 13.29 6.76 4.85
CA GLY A 102 14.35 6.27 3.98
C GLY A 102 14.40 6.94 2.62
N LEU A 103 13.51 7.92 2.38
CA LEU A 103 13.60 8.75 1.18
C LEU A 103 13.89 10.19 1.59
N HIS A 104 14.91 10.76 0.96
CA HIS A 104 15.47 12.07 1.31
C HIS A 104 15.15 13.05 0.20
N TRP A 105 14.57 14.21 0.52
CA TRP A 105 14.33 15.20 -0.53
C TRP A 105 15.13 16.49 -0.33
N VAL A 106 15.63 17.01 -1.45
CA VAL A 106 16.41 18.24 -1.47
C VAL A 106 15.85 19.16 -2.54
N GLY A 107 15.57 20.40 -2.18
CA GLY A 107 15.02 21.36 -3.13
C GLY A 107 13.95 22.23 -2.51
N GLU A 108 13.38 23.12 -3.32
CA GLU A 108 12.40 24.10 -2.86
C GLU A 108 10.99 23.58 -3.01
N ASP A 109 10.71 23.02 -4.18
CA ASP A 109 9.34 22.68 -4.53
C ASP A 109 9.26 21.53 -5.50
N GLU A 110 8.06 21.34 -6.04
CA GLU A 110 7.78 20.22 -6.94
C GLU A 110 8.68 20.24 -8.17
N LYS A 111 9.14 21.42 -8.53
CA LYS A 111 9.88 21.62 -9.78
C LYS A 111 11.32 21.13 -9.70
N ASN A 112 12.01 21.53 -8.64
CA ASN A 112 13.43 21.22 -8.55
C ASN A 112 13.74 20.17 -7.50
N MET A 113 12.72 19.48 -6.99
CA MET A 113 12.96 18.53 -5.90
C MET A 113 13.74 17.31 -6.35
N LYS A 114 14.78 16.98 -5.58
CA LYS A 114 15.53 15.76 -5.81
C LYS A 114 15.24 14.76 -4.68
N VAL A 115 14.86 13.53 -5.05
CA VAL A 115 14.51 12.49 -4.08
C VAL A 115 15.43 11.27 -4.21
N PHE A 116 16.13 10.93 -3.12
CA PHE A 116 17.04 9.78 -3.15
C PHE A 116 16.89 8.89 -1.93
N ARG A 117 17.42 7.68 -2.00
CA ARG A 117 17.37 6.75 -0.88
C ARG A 117 18.41 7.11 0.17
N ASP A 118 18.00 7.11 1.42
CA ASP A 118 18.88 7.49 2.51
C ASP A 118 18.39 6.83 3.79
N SER A 119 19.01 5.71 4.16
CA SER A 119 18.66 5.03 5.41
C SER A 119 19.79 5.09 6.43
N ARG A 120 20.72 6.05 6.27
CA ARG A 120 21.73 6.30 7.31
C ARG A 120 21.03 6.55 8.65
N PRO A 121 21.59 6.00 9.75
CA PRO A 121 21.01 6.14 11.08
C PRO A 121 20.68 7.58 11.49
N ALA A 122 21.49 8.56 11.12
CA ALA A 122 21.21 9.95 11.49
C ALA A 122 19.97 10.46 10.77
N ARG A 123 19.79 10.04 9.53
CA ARG A 123 18.60 10.39 8.75
C ARG A 123 17.37 9.68 9.34
N ILE A 124 17.55 8.44 9.76
CA ILE A 124 16.46 7.70 10.38
C ILE A 124 15.95 8.37 11.67
N ARG A 125 16.87 8.74 12.56
CA ARG A 125 16.50 9.42 13.79
C ARG A 125 15.80 10.75 13.49
N LYS A 126 16.29 11.48 12.50
CA LYS A 126 15.65 12.75 12.16
C LYS A 126 14.24 12.50 11.59
N GLU A 127 14.09 11.49 10.74
CA GLU A 127 12.79 11.27 10.12
C GLU A 127 11.72 10.88 11.13
N VAL A 128 12.11 10.07 12.11
CA VAL A 128 11.19 9.70 13.16
C VAL A 128 10.74 10.93 13.97
N GLU A 129 11.66 11.84 14.26
CA GLU A 129 11.30 13.06 14.97
C GLU A 129 10.33 13.90 14.15
N ASP A 130 10.60 14.02 12.86
CA ASP A 130 9.73 14.77 11.96
C ASP A 130 8.32 14.17 11.85
N SER A 131 8.23 12.85 11.77
CA SER A 131 6.96 12.17 11.63
C SER A 131 6.15 12.26 12.91
N LEU A 132 6.83 12.20 14.05
CA LEU A 132 6.18 12.39 15.34
C LEU A 132 5.53 13.77 15.42
N ARG A 133 6.27 14.79 14.99
CA ARG A 133 5.78 16.16 14.99
C ARG A 133 4.63 16.40 13.99
N ARG A 134 4.76 15.89 12.76
CA ARG A 134 3.75 16.13 11.74
C ARG A 134 2.46 15.37 12.04
N LEU A 135 2.61 14.18 12.60
CA LEU A 135 1.46 13.35 12.93
C LEU A 135 0.88 13.74 14.28
N ARG A 136 1.61 14.56 15.03
CA ARG A 136 1.18 15.00 16.35
C ARG A 136 1.03 13.87 17.35
N VAL A 137 1.93 12.89 17.27
CA VAL A 137 1.91 11.76 18.21
C VAL A 137 3.23 11.65 18.96
N GLU A 138 3.21 10.88 20.04
CA GLU A 138 4.41 10.67 20.84
C GLU A 138 5.08 9.35 20.48
N THR A 139 4.35 8.51 19.74
CA THR A 139 4.84 7.19 19.36
C THR A 139 4.33 6.89 17.97
N ILE A 140 5.19 6.37 17.09
CA ILE A 140 4.74 5.91 15.79
C ILE A 140 4.23 4.47 15.92
N ASP A 141 3.01 4.20 15.48
CA ASP A 141 2.49 2.83 15.60
C ASP A 141 3.27 1.85 14.75
N LEU A 142 3.56 2.25 13.51
CA LEU A 142 4.26 1.38 12.60
C LEU A 142 5.17 2.22 11.73
N GLU A 143 6.45 1.91 11.77
CA GLU A 143 7.44 2.61 10.97
C GLU A 143 8.07 1.66 9.95
N GLN A 144 8.05 2.04 8.68
CA GLN A 144 8.49 1.12 7.62
C GLN A 144 9.63 1.71 6.80
N ILE A 145 10.65 0.91 6.51
CA ILE A 145 11.66 1.38 5.56
C ILE A 145 11.03 1.38 4.17
N HIS A 146 10.99 2.55 3.54
CA HIS A 146 10.26 2.73 2.27
C HIS A 146 10.96 1.98 1.13
N TRP A 147 12.29 2.07 1.10
CA TRP A 147 13.10 1.39 0.08
C TRP A 147 14.45 1.03 0.69
N PRO A 148 15.05 -0.09 0.26
CA PRO A 148 16.36 -0.45 0.77
C PRO A 148 17.43 0.50 0.23
N ASP A 149 18.25 1.02 1.12
CA ASP A 149 19.35 1.91 0.73
C ASP A 149 20.54 1.04 0.32
N ASP A 150 20.99 1.18 -0.92
CA ASP A 150 22.12 0.40 -1.42
C ASP A 150 23.47 0.79 -0.82
N LYS A 151 23.54 1.96 -0.17
CA LYS A 151 24.79 2.49 0.36
C LYS A 151 24.89 2.41 1.88
N THR A 152 23.88 1.85 2.52
CA THR A 152 23.91 1.64 3.96
C THR A 152 23.52 0.20 4.21
N PRO A 153 24.36 -0.56 4.92
CA PRO A 153 23.98 -1.94 5.26
C PRO A 153 22.64 -1.95 5.98
N ILE A 154 21.75 -2.89 5.63
CA ILE A 154 20.46 -3.01 6.32
C ILE A 154 20.65 -3.03 7.83
N ASP A 155 21.75 -3.65 8.29
CA ASP A 155 22.04 -3.85 9.72
C ASP A 155 22.04 -2.56 10.50
N GLU A 156 22.67 -1.56 9.89
CA GLU A 156 22.86 -0.26 10.50
C GLU A 156 21.50 0.40 10.70
N SER A 157 20.62 0.25 9.71
CA SER A 157 19.28 0.86 9.75
C SER A 157 18.34 0.18 10.76
N ALA A 158 18.36 -1.15 10.77
CA ALA A 158 17.52 -1.92 11.69
C ALA A 158 17.95 -1.69 13.13
N ARG A 159 19.25 -1.49 13.32
CA ARG A 159 19.81 -1.23 14.64
C ARG A 159 19.28 0.11 15.19
N GLU A 160 19.31 1.14 14.35
CA GLU A 160 18.75 2.42 14.75
C GLU A 160 17.25 2.29 15.06
N LEU A 161 16.52 1.62 14.17
CA LEU A 161 15.08 1.46 14.37
C LEU A 161 14.75 0.68 15.64
N GLN A 162 15.48 -0.40 15.89
CA GLN A 162 15.23 -1.20 17.08
C GLN A 162 15.48 -0.40 18.37
N LYS A 163 16.49 0.46 18.34
CA LYS A 163 16.77 1.35 19.48
C LYS A 163 15.61 2.32 19.75
N LEU A 164 15.13 2.99 18.71
CA LEU A 164 14.03 3.95 18.83
C LEU A 164 12.77 3.26 19.29
N HIS A 165 12.60 2.00 18.89
CA HIS A 165 11.51 1.22 19.44
C HIS A 165 11.65 1.10 20.96
N GLN A 166 12.87 0.85 21.43
CA GLN A 166 13.13 0.70 22.86
C GLN A 166 12.98 2.03 23.61
N ASP A 167 13.42 3.12 22.98
CA ASP A 167 13.16 4.45 23.52
C ASP A 167 11.65 4.72 23.58
N GLY A 168 10.86 3.84 22.97
CA GLY A 168 9.41 3.99 22.98
C GLY A 168 8.87 4.95 21.94
N LYS A 169 9.68 5.26 20.93
CA LYS A 169 9.25 6.15 19.86
C LYS A 169 8.49 5.42 18.75
N ILE A 170 8.67 4.11 18.66
CA ILE A 170 8.02 3.30 17.62
C ILE A 170 7.45 2.02 18.22
N ARG A 171 6.25 1.61 17.77
CA ARG A 171 5.64 0.37 18.24
C ARG A 171 6.05 -0.87 17.43
N ALA A 172 5.79 -0.84 16.13
CA ALA A 172 6.11 -1.96 15.24
C ALA A 172 6.92 -1.48 14.06
N LEU A 173 7.68 -2.40 13.47
CA LEU A 173 8.62 -2.08 12.41
C LEU A 173 8.34 -2.88 11.16
N GLY A 174 8.48 -2.26 10.00
CA GLY A 174 8.22 -2.97 8.75
C GLY A 174 9.18 -2.54 7.65
N VAL A 175 9.09 -3.20 6.50
CA VAL A 175 9.91 -2.82 5.34
C VAL A 175 9.08 -2.88 4.07
N SER A 176 9.61 -2.33 2.99
CA SER A 176 8.89 -2.33 1.73
C SER A 176 9.90 -2.52 0.62
N ASN A 177 9.58 -3.37 -0.34
CA ASN A 177 10.47 -3.59 -1.47
C ASN A 177 11.80 -4.21 -1.06
N PHE A 178 11.82 -4.97 0.03
CA PHE A 178 13.01 -5.74 0.43
C PHE A 178 12.99 -7.13 -0.20
N SER A 179 14.16 -7.64 -0.58
CA SER A 179 14.27 -9.06 -0.94
C SER A 179 14.24 -9.93 0.32
N PRO A 180 13.89 -11.22 0.17
CA PRO A 180 13.96 -12.12 1.33
C PRO A 180 15.30 -12.05 2.06
N GLU A 181 16.39 -11.94 1.32
CA GLU A 181 17.71 -11.89 1.95
C GLU A 181 17.84 -10.63 2.78
N GLN A 182 17.30 -9.53 2.28
CA GLN A 182 17.37 -8.26 2.99
C GLN A 182 16.51 -8.30 4.25
N MET A 183 15.38 -8.99 4.18
CA MET A 183 14.54 -9.15 5.35
C MET A 183 15.20 -10.05 6.40
N ASP A 184 15.91 -11.09 5.96
CA ASP A 184 16.64 -11.94 6.89
C ASP A 184 17.65 -11.11 7.70
N ILE A 185 18.35 -10.23 7.01
CA ILE A 185 19.36 -9.38 7.65
C ILE A 185 18.73 -8.43 8.66
N PHE A 186 17.64 -7.77 8.25
CA PHE A 186 16.87 -6.93 9.13
C PHE A 186 16.49 -7.69 10.40
N ARG A 187 15.91 -8.88 10.23
CA ARG A 187 15.36 -9.66 11.33
C ARG A 187 16.40 -10.17 12.33
N GLU A 188 17.67 -10.20 11.94
CA GLU A 188 18.73 -10.59 12.89
C GLU A 188 18.91 -9.56 14.00
N VAL A 189 18.46 -8.34 13.70
CA VAL A 189 18.69 -7.16 14.54
C VAL A 189 17.38 -6.62 15.13
N ALA A 190 16.29 -6.74 14.38
CA ALA A 190 15.01 -6.20 14.80
C ALA A 190 13.83 -7.05 14.33
N PRO A 191 12.79 -7.15 15.16
CA PRO A 191 11.58 -7.90 14.82
C PRO A 191 10.85 -7.27 13.64
N LEU A 192 10.45 -8.08 12.67
CA LEU A 192 9.77 -7.61 11.48
C LEU A 192 8.29 -7.87 11.60
N ALA A 193 7.49 -6.81 11.72
CA ALA A 193 6.04 -6.95 11.89
C ALA A 193 5.27 -6.96 10.56
N THR A 194 5.72 -6.15 9.61
CA THR A 194 5.01 -5.98 8.35
C THR A 194 5.92 -5.87 7.14
N ILE A 195 5.33 -6.16 5.98
CA ILE A 195 5.99 -6.04 4.69
C ILE A 195 4.98 -5.35 3.78
N GLN A 196 5.42 -4.35 2.99
CA GLN A 196 4.52 -3.64 2.08
C GLN A 196 4.92 -3.85 0.63
N PRO A 197 4.34 -4.87 -0.03
CA PRO A 197 4.70 -5.16 -1.41
C PRO A 197 3.59 -4.79 -2.37
N PRO A 198 3.91 -4.66 -3.66
CA PRO A 198 2.86 -4.44 -4.66
C PRO A 198 2.12 -5.74 -4.92
N LEU A 199 0.79 -5.69 -5.03
CA LEU A 199 0.02 -6.88 -5.41
C LEU A 199 -1.32 -6.52 -6.03
N ASN A 200 -1.65 -7.17 -7.15
CA ASN A 200 -2.98 -7.13 -7.72
C ASN A 200 -3.18 -8.28 -8.69
N LEU A 201 -4.44 -8.51 -9.08
CA LEU A 201 -4.82 -9.57 -10.02
C LEU A 201 -3.89 -9.72 -11.22
N PHE A 202 -3.44 -8.58 -11.76
CA PHE A 202 -2.63 -8.58 -12.96
C PHE A 202 -1.12 -8.56 -12.67
N GLU A 203 -0.77 -8.44 -11.39
CA GLU A 203 0.62 -8.32 -10.99
C GLU A 203 0.89 -9.12 -9.72
N ARG A 204 1.17 -10.41 -9.91
CA ARG A 204 1.18 -11.37 -8.82
C ARG A 204 2.58 -11.86 -8.52
N THR A 205 3.57 -11.18 -9.07
CA THR A 205 4.94 -11.64 -8.95
C THR A 205 5.34 -11.99 -7.50
N ILE A 206 4.94 -11.15 -6.53
CA ILE A 206 5.35 -11.37 -5.13
C ILE A 206 4.83 -12.67 -4.52
N GLU A 207 3.86 -13.32 -5.17
CA GLU A 207 3.35 -14.60 -4.69
C GLU A 207 4.44 -15.66 -4.54
N LYS A 208 5.46 -15.57 -5.37
CA LYS A 208 6.48 -16.60 -5.41
C LYS A 208 7.44 -16.50 -4.21
N ASP A 209 7.64 -15.30 -3.69
CA ASP A 209 8.59 -15.14 -2.60
C ASP A 209 8.11 -14.37 -1.36
N ILE A 210 7.52 -13.21 -1.57
CA ILE A 210 7.15 -12.35 -0.44
C ILE A 210 6.05 -12.93 0.41
N LEU A 211 4.97 -13.43 -0.20
CA LEU A 211 3.87 -13.98 0.57
C LEU A 211 4.26 -15.18 1.43
N PRO A 212 4.90 -16.20 0.82
CA PRO A 212 5.39 -17.34 1.62
C PRO A 212 6.31 -16.85 2.74
N TYR A 213 7.16 -15.87 2.43
CA TYR A 213 8.03 -15.31 3.47
C TYR A 213 7.19 -14.78 4.63
N ALA A 214 6.17 -14.00 4.32
CA ALA A 214 5.31 -13.43 5.36
C ALA A 214 4.63 -14.52 6.19
N GLU A 215 4.13 -15.56 5.53
CA GLU A 215 3.52 -16.67 6.25
C GLU A 215 4.52 -17.34 7.18
N LYS A 216 5.72 -17.63 6.67
CA LYS A 216 6.68 -18.37 7.46
C LYS A 216 7.20 -17.56 8.65
N HIS A 217 7.27 -16.24 8.51
CA HIS A 217 7.86 -15.42 9.57
C HIS A 217 6.84 -14.56 10.30
N ASN A 218 5.56 -14.85 10.06
CA ASN A 218 4.48 -14.25 10.84
C ASN A 218 4.42 -12.73 10.72
N ALA A 219 4.67 -12.24 9.52
CA ALA A 219 4.58 -10.82 9.24
C ALA A 219 3.26 -10.55 8.54
N VAL A 220 2.70 -9.36 8.74
CA VAL A 220 1.47 -8.99 8.04
C VAL A 220 1.84 -8.27 6.75
N VAL A 221 1.15 -8.59 5.68
CA VAL A 221 1.40 -7.98 4.37
C VAL A 221 0.46 -6.79 4.15
N LEU A 222 1.05 -5.61 3.92
CA LEU A 222 0.29 -4.43 3.51
C LEU A 222 0.40 -4.25 2.01
N ALA A 223 -0.57 -4.79 1.27
CA ALA A 223 -0.48 -4.82 -0.18
C ALA A 223 -0.86 -3.47 -0.79
N TYR A 224 -0.02 -2.92 -1.65
CA TYR A 224 -0.40 -1.70 -2.36
C TYR A 224 -0.65 -1.94 -3.84
N GLY A 225 -1.53 -1.12 -4.43
CA GLY A 225 -1.77 -1.16 -5.85
C GLY A 225 -2.78 -2.22 -6.26
N ALA A 226 -3.68 -2.56 -5.33
CA ALA A 226 -4.70 -3.58 -5.58
C ALA A 226 -5.51 -3.36 -6.86
N LEU A 227 -5.60 -2.12 -7.33
CA LEU A 227 -6.44 -1.82 -8.49
C LEU A 227 -5.63 -1.62 -9.77
N CYS A 228 -4.36 -2.02 -9.73
CA CYS A 228 -3.47 -1.97 -10.90
C CYS A 228 -3.63 -0.65 -11.65
N ARG A 229 -3.48 0.45 -10.94
CA ARG A 229 -3.44 1.78 -11.54
C ARG A 229 -4.70 2.13 -12.32
N GLY A 230 -5.84 1.60 -11.88
CA GLY A 230 -7.12 1.99 -12.44
C GLY A 230 -7.72 0.93 -13.33
N LEU A 231 -6.86 0.11 -13.91
CA LEU A 231 -7.31 -0.96 -14.80
C LEU A 231 -8.37 -1.84 -14.14
N LEU A 232 -8.28 -2.04 -12.84
CA LEU A 232 -9.22 -2.91 -12.13
C LEU A 232 -10.41 -2.20 -11.48
N THR A 233 -10.61 -0.93 -11.81
CA THR A 233 -11.74 -0.20 -11.26
C THR A 233 -13.01 -0.56 -12.02
N GLY A 234 -12.85 -1.01 -13.25
CA GLY A 234 -13.98 -1.27 -14.13
C GLY A 234 -14.48 -0.01 -14.82
N LYS A 235 -13.70 1.06 -14.73
CA LYS A 235 -14.11 2.33 -15.31
C LYS A 235 -13.36 2.67 -16.59
N MET A 236 -12.37 1.84 -16.95
CA MET A 236 -11.64 2.03 -18.19
C MET A 236 -12.30 1.24 -19.32
N ASN A 237 -12.04 1.67 -20.55
CA ASN A 237 -12.53 0.95 -21.72
C ASN A 237 -11.56 1.08 -22.87
N ARG A 238 -11.93 0.54 -24.03
CA ARG A 238 -11.06 0.53 -25.20
C ARG A 238 -10.61 1.94 -25.60
N ASP A 239 -11.39 2.94 -25.17
CA ASP A 239 -11.15 4.33 -25.55
C ASP A 239 -10.29 5.09 -24.56
N THR A 240 -9.91 4.43 -23.46
CA THR A 240 -9.16 5.11 -22.41
C THR A 240 -7.74 5.40 -22.88
N THR A 241 -7.32 6.66 -22.76
CA THR A 241 -5.96 7.04 -23.11
C THR A 241 -5.43 8.01 -22.05
N PHE A 242 -4.12 8.23 -22.06
CA PHE A 242 -3.49 9.00 -20.99
C PHE A 242 -2.55 10.07 -21.54
N PRO A 243 -2.40 11.18 -20.80
CA PRO A 243 -1.55 12.32 -21.18
C PRO A 243 -0.06 11.97 -21.13
N LYS A 244 0.74 12.70 -21.90
CA LYS A 244 2.20 12.52 -21.90
C LYS A 244 2.77 12.50 -20.48
N ASP A 245 2.17 13.28 -19.59
CA ASP A 245 2.61 13.38 -18.20
C ASP A 245 2.34 12.11 -17.42
N ASP A 246 1.28 11.41 -17.79
CA ASP A 246 0.80 10.27 -17.04
C ASP A 246 1.71 9.05 -17.23
N LEU A 247 2.16 8.51 -16.11
CA LEU A 247 3.04 7.33 -16.08
C LEU A 247 2.52 6.21 -16.96
N ARG A 248 1.20 6.11 -17.08
CA ARG A 248 0.57 5.02 -17.82
C ARG A 248 0.81 5.12 -19.34
N SER A 249 1.22 6.30 -19.80
CA SER A 249 1.56 6.48 -21.21
C SER A 249 2.67 5.53 -21.66
N ASN A 250 3.60 5.25 -20.75
CA ASN A 250 4.71 4.34 -21.05
C ASN A 250 4.60 2.99 -20.34
N ASP A 251 3.37 2.58 -20.01
CA ASP A 251 3.11 1.30 -19.38
C ASP A 251 2.47 0.35 -20.39
N PRO A 252 3.16 -0.77 -20.71
CA PRO A 252 2.73 -1.74 -21.71
C PRO A 252 1.30 -2.25 -21.49
N LYS A 253 0.89 -2.36 -20.23
CA LYS A 253 -0.45 -2.87 -19.93
C LYS A 253 -1.52 -1.92 -20.46
N PHE A 254 -1.21 -0.64 -20.53
CA PHE A 254 -2.18 0.35 -20.96
C PHE A 254 -1.92 0.77 -22.41
N GLN A 255 -1.27 -0.11 -23.17
CA GLN A 255 -0.98 0.17 -24.58
C GLN A 255 -1.41 -0.97 -25.49
N LYS A 256 -1.68 -0.63 -26.75
CA LYS A 256 -1.91 -1.62 -27.78
C LYS A 256 -0.66 -2.49 -27.89
N PRO A 257 -0.84 -3.81 -28.08
CA PRO A 257 -2.11 -4.51 -28.13
C PRO A 257 -2.49 -5.16 -26.79
N ASN A 258 -1.68 -4.95 -25.75
CA ASN A 258 -1.94 -5.58 -24.45
C ASN A 258 -3.21 -5.07 -23.77
N PHE A 259 -3.44 -3.76 -23.85
CA PHE A 259 -4.54 -3.13 -23.13
C PHE A 259 -5.88 -3.86 -23.34
N GLU A 260 -6.13 -4.32 -24.56
CA GLU A 260 -7.37 -5.05 -24.86
C GLU A 260 -7.47 -6.40 -24.14
N LYS A 261 -6.34 -7.10 -24.04
CA LYS A 261 -6.28 -8.35 -23.29
C LYS A 261 -6.71 -8.10 -21.85
N TYR A 262 -6.17 -7.04 -21.26
CA TYR A 262 -6.48 -6.72 -19.87
C TYR A 262 -7.94 -6.29 -19.73
N LEU A 263 -8.41 -5.47 -20.67
CA LEU A 263 -9.80 -5.06 -20.66
C LEU A 263 -10.70 -6.28 -20.81
N ALA A 264 -10.27 -7.24 -21.64
CA ALA A 264 -11.04 -8.46 -21.87
C ALA A 264 -11.17 -9.25 -20.57
N ALA A 265 -10.05 -9.46 -19.89
CA ALA A 265 -10.05 -10.10 -18.58
C ALA A 265 -11.01 -9.39 -17.64
N MET A 266 -10.94 -8.07 -17.65
CA MET A 266 -11.79 -7.23 -16.82
C MET A 266 -13.29 -7.50 -17.02
N ASP A 267 -13.72 -7.64 -18.27
CA ASP A 267 -15.12 -7.95 -18.54
C ASP A 267 -15.56 -9.28 -17.89
N GLU A 268 -14.67 -10.27 -17.90
CA GLU A 268 -14.99 -11.55 -17.27
C GLU A 268 -15.01 -11.43 -15.74
N PHE A 269 -14.02 -10.74 -15.19
CA PHE A 269 -13.97 -10.47 -13.77
C PHE A 269 -15.28 -9.81 -13.36
N GLU A 270 -15.74 -8.87 -14.19
CA GLU A 270 -16.96 -8.13 -13.91
C GLU A 270 -18.20 -9.03 -13.86
N LYS A 271 -18.32 -9.94 -14.81
CA LYS A 271 -19.43 -10.90 -14.79
C LYS A 271 -19.32 -11.80 -13.57
N LEU A 272 -18.11 -12.22 -13.24
CA LEU A 272 -17.87 -13.02 -12.05
C LEU A 272 -18.34 -12.26 -10.81
N ALA A 273 -17.93 -11.00 -10.70
CA ALA A 273 -18.34 -10.14 -9.59
C ALA A 273 -19.86 -10.00 -9.51
N GLU A 274 -20.50 -9.77 -10.66
CA GLU A 274 -21.95 -9.62 -10.73
C GLU A 274 -22.72 -10.78 -10.09
N LYS A 275 -22.24 -12.01 -10.28
CA LYS A 275 -22.89 -13.18 -9.70
C LYS A 275 -23.07 -13.05 -8.18
N ARG A 276 -22.15 -12.35 -7.52
CA ARG A 276 -22.25 -12.10 -6.09
C ARG A 276 -22.93 -10.76 -5.80
N GLY A 277 -23.26 -10.01 -6.86
CA GLY A 277 -23.76 -8.67 -6.70
C GLY A 277 -22.70 -7.70 -6.21
N LYS A 278 -21.44 -8.03 -6.49
CA LYS A 278 -20.32 -7.16 -6.15
C LYS A 278 -19.79 -6.42 -7.37
N SER A 279 -19.28 -5.20 -7.16
CA SER A 279 -18.61 -4.46 -8.22
C SER A 279 -17.27 -5.13 -8.52
N VAL A 280 -16.70 -4.87 -9.69
CA VAL A 280 -15.41 -5.48 -10.01
C VAL A 280 -14.32 -4.88 -9.12
N MET A 281 -14.49 -3.62 -8.75
CA MET A 281 -13.52 -2.94 -7.90
C MET A 281 -13.41 -3.62 -6.54
N ALA A 282 -14.57 -3.88 -5.93
CA ALA A 282 -14.62 -4.57 -4.64
C ALA A 282 -14.10 -6.02 -4.75
N PHE A 283 -14.42 -6.67 -5.86
CA PHE A 283 -13.95 -8.05 -6.08
C PHE A 283 -12.43 -8.09 -6.17
N ALA A 284 -11.85 -7.14 -6.89
CA ALA A 284 -10.40 -7.08 -7.08
C ALA A 284 -9.67 -6.90 -5.76
N VAL A 285 -10.25 -6.09 -4.87
CA VAL A 285 -9.62 -5.83 -3.58
C VAL A 285 -9.79 -7.05 -2.67
N ARG A 286 -10.99 -7.63 -2.68
CA ARG A 286 -11.25 -8.83 -1.88
C ARG A 286 -10.31 -9.97 -2.32
N TRP A 287 -10.06 -10.08 -3.63
CA TRP A 287 -9.09 -11.08 -4.12
C TRP A 287 -7.74 -10.89 -3.44
N VAL A 288 -7.29 -9.65 -3.36
CA VAL A 288 -6.00 -9.33 -2.75
C VAL A 288 -5.97 -9.77 -1.29
N LEU A 289 -7.03 -9.45 -0.55
CA LEU A 289 -7.14 -9.87 0.84
C LEU A 289 -7.05 -11.38 1.02
N ASP A 290 -7.59 -12.12 0.05
CA ASP A 290 -7.73 -13.55 0.22
C ASP A 290 -6.50 -14.34 -0.23
N GLN A 291 -5.41 -13.62 -0.53
CA GLN A 291 -4.16 -14.26 -0.94
C GLN A 291 -3.26 -14.59 0.24
N GLY A 292 -3.59 -14.10 1.43
CA GLY A 292 -2.75 -14.32 2.61
C GLY A 292 -3.10 -13.46 3.80
N PRO A 293 -2.13 -13.27 4.72
CA PRO A 293 -2.36 -12.43 5.89
C PRO A 293 -2.22 -10.98 5.46
N VAL A 294 -3.19 -10.51 4.68
CA VAL A 294 -3.04 -9.30 3.88
C VAL A 294 -3.99 -8.19 4.33
N ILE A 295 -3.45 -6.98 4.37
CA ILE A 295 -4.27 -5.77 4.45
C ILE A 295 -4.10 -5.05 3.12
N ALA A 296 -5.19 -4.71 2.45
CA ALA A 296 -5.09 -3.96 1.21
C ALA A 296 -5.16 -2.45 1.47
N LEU A 297 -4.22 -1.71 0.90
CA LEU A 297 -4.23 -0.24 0.98
C LEU A 297 -5.24 0.27 -0.04
N TRP A 298 -6.07 1.22 0.37
CA TRP A 298 -7.12 1.74 -0.48
C TRP A 298 -6.94 3.25 -0.63
N GLY A 299 -6.65 3.72 -1.84
CA GLY A 299 -6.40 5.13 -2.05
C GLY A 299 -7.67 5.92 -2.30
N ALA A 300 -7.67 7.20 -1.91
CA ALA A 300 -8.82 8.09 -2.13
C ALA A 300 -8.42 9.56 -2.01
N ARG A 301 -8.92 10.40 -2.93
CA ARG A 301 -8.64 11.84 -2.88
C ARG A 301 -9.82 12.62 -2.31
N LYS A 302 -11.03 12.12 -2.54
CA LYS A 302 -12.22 12.74 -1.98
C LYS A 302 -13.07 11.69 -1.27
N PRO A 303 -13.93 12.14 -0.35
CA PRO A 303 -14.66 11.23 0.53
C PRO A 303 -15.53 10.21 -0.21
N GLY A 304 -16.01 10.55 -1.40
CA GLY A 304 -16.83 9.62 -2.16
C GLY A 304 -16.06 8.35 -2.48
N GLN A 305 -14.79 8.52 -2.83
CA GLN A 305 -13.96 7.40 -3.26
C GLN A 305 -13.71 6.37 -2.17
N VAL A 306 -14.34 6.54 -1.02
CA VAL A 306 -14.18 5.59 0.08
C VAL A 306 -15.42 4.71 0.30
N SER A 307 -16.52 5.04 -0.36
CA SER A 307 -17.78 4.35 -0.12
C SER A 307 -17.68 2.87 -0.45
N GLY A 308 -16.98 2.54 -1.52
CA GLY A 308 -16.82 1.16 -1.96
C GLY A 308 -16.13 0.24 -0.96
N VAL A 309 -15.42 0.81 0.01
CA VAL A 309 -14.69 0.02 1.00
C VAL A 309 -15.64 -0.96 1.68
N LYS A 310 -16.85 -0.47 1.91
CA LYS A 310 -17.89 -1.26 2.54
C LYS A 310 -18.10 -2.62 1.87
N ASP A 311 -18.01 -2.63 0.54
CA ASP A 311 -18.31 -3.81 -0.26
C ASP A 311 -17.27 -4.91 -0.16
N VAL A 312 -16.07 -4.55 0.31
CA VAL A 312 -14.97 -5.49 0.46
C VAL A 312 -15.14 -6.37 1.68
N PHE A 313 -15.77 -5.84 2.73
CA PHE A 313 -15.92 -6.56 3.97
C PHE A 313 -17.10 -7.53 3.96
N GLY A 314 -17.06 -8.53 4.84
CA GLY A 314 -18.20 -9.39 5.09
C GLY A 314 -18.35 -10.59 4.17
N TRP A 315 -17.34 -10.86 3.35
CA TRP A 315 -17.35 -12.02 2.48
C TRP A 315 -15.94 -12.35 2.03
N SER A 316 -15.78 -13.47 1.36
CA SER A 316 -14.47 -13.89 0.88
C SER A 316 -14.65 -14.79 -0.34
N LEU A 317 -13.68 -14.78 -1.26
CA LEU A 317 -13.76 -15.62 -2.46
C LEU A 317 -13.81 -17.09 -2.10
N THR A 318 -14.69 -17.81 -2.78
CA THR A 318 -14.72 -19.27 -2.71
C THR A 318 -13.57 -19.83 -3.56
N ASP A 319 -13.23 -21.09 -3.33
CA ASP A 319 -12.17 -21.72 -4.11
C ASP A 319 -12.54 -21.76 -5.59
N GLU A 320 -13.83 -21.78 -5.87
CA GLU A 320 -14.26 -21.77 -7.26
C GLU A 320 -14.03 -20.40 -7.89
N GLU A 321 -14.30 -19.34 -7.13
CA GLU A 321 -14.04 -17.99 -7.63
C GLU A 321 -12.53 -17.78 -7.89
N LYS A 322 -11.71 -18.31 -7.00
CA LYS A 322 -10.26 -18.22 -7.16
C LYS A 322 -9.78 -18.94 -8.42
N LYS A 323 -10.33 -20.13 -8.66
CA LYS A 323 -9.98 -20.88 -9.86
C LYS A 323 -10.43 -20.11 -11.10
N ALA A 324 -11.67 -19.64 -11.08
CA ALA A 324 -12.20 -18.86 -12.20
C ALA A 324 -11.26 -17.71 -12.51
N VAL A 325 -10.78 -17.02 -11.47
CA VAL A 325 -9.84 -15.91 -11.65
C VAL A 325 -8.59 -16.38 -12.41
N ASP A 326 -8.00 -17.49 -11.98
CA ASP A 326 -6.82 -18.00 -12.68
C ASP A 326 -7.15 -18.38 -14.12
N ASP A 327 -8.33 -18.95 -14.32
CA ASP A 327 -8.75 -19.38 -15.65
C ASP A 327 -8.86 -18.17 -16.56
N ILE A 328 -9.43 -17.10 -16.02
CA ILE A 328 -9.59 -15.86 -16.76
C ILE A 328 -8.25 -15.25 -17.14
N LEU A 329 -7.30 -15.25 -16.21
CA LEU A 329 -5.99 -14.69 -16.51
C LEU A 329 -5.26 -15.51 -17.58
N ALA A 330 -5.30 -16.83 -17.46
CA ALA A 330 -4.63 -17.71 -18.41
C ALA A 330 -5.22 -17.57 -19.81
N ARG A 331 -6.52 -17.33 -19.89
CA ARG A 331 -7.22 -17.22 -21.15
C ARG A 331 -6.96 -15.90 -21.89
N HIS A 332 -6.57 -14.85 -21.17
CA HIS A 332 -6.43 -13.54 -21.80
C HIS A 332 -5.03 -12.92 -21.69
N VAL A 333 -4.39 -13.07 -20.52
CA VAL A 333 -3.05 -12.52 -20.32
C VAL A 333 -2.08 -13.56 -19.81
N PRO A 334 -1.70 -14.51 -20.67
CA PRO A 334 -0.78 -15.60 -20.33
C PRO A 334 0.65 -15.07 -20.20
N ASN A 335 1.39 -15.62 -19.24
CA ASN A 335 2.75 -15.18 -18.99
C ASN A 335 3.64 -15.38 -20.22
N PRO A 336 4.47 -14.38 -20.51
CA PRO A 336 5.39 -14.45 -21.65
C PRO A 336 6.33 -15.66 -21.56
N ILE A 337 6.61 -16.27 -22.71
CA ILE A 337 7.56 -17.38 -22.76
C ILE A 337 8.99 -16.87 -22.71
N ASP A 338 9.78 -17.45 -21.81
CA ASP A 338 11.19 -17.10 -21.63
C ASP A 338 11.98 -17.33 -22.91
N PRO A 339 12.90 -16.41 -23.23
CA PRO A 339 13.75 -16.57 -24.42
C PRO A 339 14.66 -17.80 -24.34
N THR A 340 15.20 -18.09 -23.16
CA THR A 340 16.08 -19.26 -22.98
C THR A 340 15.30 -20.57 -23.06
N PHE A 341 15.92 -21.62 -23.60
CA PHE A 341 15.23 -22.90 -23.77
C PHE A 341 14.84 -23.50 -22.42
N MET A 342 13.74 -24.23 -22.38
CA MET A 342 13.37 -24.96 -21.16
C MET A 342 12.66 -26.28 -21.38
N ALA A 343 13.36 -27.36 -21.01
CA ALA A 343 12.87 -28.72 -21.19
C ALA A 343 11.35 -28.83 -21.08
#